data_6RA4
#
_entry.id   6RA4
#
_cell.length_a   72.617
_cell.length_b   87.672
_cell.length_c   56.832
_cell.angle_alpha   90.000
_cell.angle_beta   90.000
_cell.angle_gamma   90.000
#
_symmetry.space_group_name_H-M   'P 21 21 2'
#
loop_
_entity.id
_entity.type
_entity.pdbx_description
1 polymer 'Protein argonaute-2'
2 polymer "RNA (5'-R(*CP*GP*UP*GP*AP*CP*UP*CP*U)-3')"
3 non-polymer GLYCEROL
4 water water
#
loop_
_entity_poly.entity_id
_entity_poly.type
_entity_poly.pdbx_seq_one_letter_code
_entity_poly.pdbx_strand_id
1 'polypeptide(L)'
;GPTAFYKAQPVIEFVCEVLDFKSIEEQQKPLTDSQRVKFTKEIKGLKVEITHCGQMKRKYRVCNVTRRPASHQTFPLQQE
SGQTVECTVAQYFKDRHKLVLRYPHLPCLQVGQEQKHTYLPLEVCNIVAGQRCIKK
;
A,B
2 'polyribonucleotide' CGUGACUCU L,M
#
loop_
_chem_comp.id
_chem_comp.type
_chem_comp.name
_chem_comp.formula
A RNA linking ADENOSINE-5'-MONOPHOSPHATE 'C10 H14 N5 O7 P'
C RNA linking CYTIDINE-5'-MONOPHOSPHATE 'C9 H14 N3 O8 P'
G RNA linking GUANOSINE-5'-MONOPHOSPHATE 'C10 H14 N5 O8 P'
GOL non-polymer GLYCEROL 'C3 H8 O3'
U RNA linking URIDINE-5'-MONOPHOSPHATE 'C9 H13 N2 O9 P'
#
# COMPACT_ATOMS: atom_id res chain seq x y z
N PRO A 2 2.49 15.17 -19.59
CA PRO A 2 2.84 15.63 -18.22
C PRO A 2 2.02 14.81 -17.23
N THR A 3 2.70 14.23 -16.25
CA THR A 3 2.06 13.32 -15.31
C THR A 3 0.96 13.95 -14.44
N ALA A 4 -0.22 13.32 -14.45
CA ALA A 4 -1.35 13.73 -13.62
C ALA A 4 -1.94 12.47 -12.99
N PHE A 5 -2.49 12.63 -11.78
CA PHE A 5 -3.01 11.49 -11.01
C PHE A 5 -4.49 11.72 -10.77
N TYR A 6 -5.29 10.67 -10.90
CA TYR A 6 -6.70 10.78 -10.55
C TYR A 6 -6.84 11.19 -9.09
N LYS A 7 -7.72 12.15 -8.83
CA LYS A 7 -8.15 12.47 -7.48
C LYS A 7 -8.72 11.22 -6.80
N ALA A 8 -8.25 10.97 -5.59
CA ALA A 8 -8.83 9.91 -4.77
C ALA A 8 -10.19 10.38 -4.29
N GLN A 9 -11.23 9.62 -4.61
CA GLN A 9 -12.60 10.07 -4.34
C GLN A 9 -13.55 8.89 -4.51
N PRO A 10 -14.76 9.02 -3.97
CA PRO A 10 -15.72 7.91 -4.13
C PRO A 10 -16.00 7.64 -5.60
N VAL A 11 -16.14 6.38 -5.94
CA VAL A 11 -16.43 6.02 -7.33
C VAL A 11 -17.76 6.67 -7.83
N ILE A 12 -18.70 6.92 -6.92
CA ILE A 12 -19.93 7.59 -7.31
C ILE A 12 -19.66 8.97 -7.88
N GLU A 13 -18.73 9.69 -7.25
CA GLU A 13 -18.41 11.02 -7.76
C GLU A 13 -17.65 10.86 -9.06
N PHE A 14 -16.80 9.84 -9.15
CA PHE A 14 -16.03 9.56 -10.37
C PHE A 14 -16.98 9.32 -11.56
N VAL A 15 -18.00 8.51 -11.37
CA VAL A 15 -18.88 8.22 -12.53
C VAL A 15 -19.72 9.46 -12.91
N CYS A 16 -20.02 10.31 -11.94
CA CYS A 16 -20.67 11.59 -12.23
C CYS A 16 -19.86 12.43 -13.21
N GLU A 17 -18.58 12.58 -12.90
CA GLU A 17 -17.69 13.36 -13.75
C GLU A 17 -17.53 12.69 -15.09
N VAL A 18 -17.49 11.36 -15.12
CA VAL A 18 -17.38 10.72 -16.42
C VAL A 18 -18.64 10.97 -17.23
N LEU A 19 -19.80 10.93 -16.60
CA LEU A 19 -21.03 10.98 -17.39
C LEU A 19 -21.62 12.39 -17.45
N ASP A 20 -20.93 13.36 -16.85
CA ASP A 20 -21.32 14.76 -16.87
C ASP A 20 -22.60 15.02 -16.08
N PHE A 21 -22.68 14.52 -14.86
CA PHE A 21 -23.67 15.03 -13.92
C PHE A 21 -22.89 15.87 -12.92
N LYS A 22 -23.57 16.83 -12.30
CA LYS A 22 -22.98 17.52 -11.16
C LYS A 22 -23.27 16.74 -9.88
N SER A 23 -24.41 16.07 -9.86
CA SER A 23 -24.80 15.24 -8.74
C SER A 23 -25.29 13.91 -9.30
N ILE A 24 -25.26 12.86 -8.49
CA ILE A 24 -25.65 11.55 -8.98
C ILE A 24 -27.18 11.49 -9.12
N GLU A 25 -27.89 12.43 -8.48
CA GLU A 25 -29.35 12.44 -8.51
C GLU A 25 -29.90 12.75 -9.91
N GLU A 26 -29.02 13.20 -10.80
CA GLU A 26 -29.39 13.43 -12.19
C GLU A 26 -29.49 12.11 -12.93
N GLN A 27 -29.27 11.01 -12.20
CA GLN A 27 -29.41 9.66 -12.72
C GLN A 27 -30.13 8.79 -11.70
N GLN A 28 -31.45 8.69 -11.84
CA GLN A 28 -32.25 7.93 -10.89
C GLN A 28 -32.80 6.68 -11.56
N LYS A 29 -32.12 6.25 -12.61
CA LYS A 29 -32.46 5.04 -13.34
C LYS A 29 -31.13 4.36 -13.67
N PRO A 30 -31.18 3.14 -14.22
CA PRO A 30 -30.02 2.41 -14.69
C PRO A 30 -29.26 3.17 -15.77
N LEU A 31 -27.98 2.86 -15.93
CA LEU A 31 -27.21 3.41 -17.04
C LEU A 31 -27.82 2.87 -18.34
N THR A 32 -27.77 3.65 -19.41
CA THR A 32 -27.87 3.09 -20.76
C THR A 32 -26.60 2.34 -21.09
N ASP A 33 -26.64 1.49 -22.13
CA ASP A 33 -25.49 0.74 -22.59
C ASP A 33 -24.39 1.74 -22.89
N SER A 34 -24.78 2.86 -23.48
CA SER A 34 -23.79 3.82 -23.95
C SER A 34 -23.02 4.39 -22.77
N GLN A 35 -23.75 4.67 -21.68
CA GLN A 35 -23.14 5.22 -20.47
C GLN A 35 -22.24 4.18 -19.79
N ARG A 36 -22.70 2.93 -19.77
CA ARG A 36 -21.87 1.86 -19.23
C ARG A 36 -20.55 1.73 -19.95
N VAL A 37 -20.58 1.77 -21.29
CA VAL A 37 -19.37 1.60 -22.07
C VAL A 37 -18.38 2.71 -21.80
N LYS A 38 -18.89 3.92 -21.72
CA LYS A 38 -18.13 5.12 -21.46
C LYS A 38 -17.45 5.04 -20.08
N PHE A 39 -18.23 4.67 -19.06
CA PHE A 39 -17.73 4.54 -17.69
C PHE A 39 -16.66 3.44 -17.63
N THR A 40 -16.96 2.31 -18.24
CA THR A 40 -16.08 1.16 -18.22
C THR A 40 -14.73 1.56 -18.80
N LYS A 41 -14.76 2.34 -19.87
CA LYS A 41 -13.53 2.70 -20.53
C LYS A 41 -12.63 3.50 -19.60
N GLU A 42 -13.25 4.32 -18.76
CA GLU A 42 -12.48 5.18 -17.84
C GLU A 42 -12.01 4.46 -16.57
N ILE A 43 -12.81 3.52 -16.04
CA ILE A 43 -12.43 2.99 -14.73
C ILE A 43 -11.71 1.67 -14.81
N LYS A 44 -11.84 0.99 -15.95
CA LYS A 44 -11.19 -0.30 -16.11
C LYS A 44 -9.67 -0.19 -15.98
N GLY A 45 -9.08 -1.07 -15.18
CA GLY A 45 -7.66 -0.97 -14.89
C GLY A 45 -7.29 -0.11 -13.68
N LEU A 46 -8.24 0.59 -13.08
CA LEU A 46 -7.92 1.37 -11.90
C LEU A 46 -8.09 0.56 -10.61
N LYS A 47 -7.31 0.90 -9.60
CA LYS A 47 -7.50 0.30 -8.29
C LYS A 47 -8.57 1.05 -7.55
N VAL A 48 -9.38 0.32 -6.77
CA VAL A 48 -10.31 0.98 -5.86
C VAL A 48 -10.09 0.34 -4.51
N GLU A 49 -10.53 1.02 -3.46
CA GLU A 49 -10.51 0.38 -2.16
C GLU A 49 -11.92 0.41 -1.57
N ILE A 50 -12.28 -0.66 -0.87
CA ILE A 50 -13.62 -0.82 -0.28
C ILE A 50 -13.82 -0.09 1.04
N THR A 51 -15.08 0.17 1.37
CA THR A 51 -15.38 1.04 2.51
C THR A 51 -16.29 0.40 3.53
N HIS A 52 -16.73 -0.82 3.26
CA HIS A 52 -17.86 -1.40 3.98
C HIS A 52 -17.43 -2.42 5.01
N CYS A 53 -16.13 -2.63 5.13
CA CYS A 53 -15.60 -3.63 6.05
C CYS A 53 -14.70 -2.96 7.06
N GLY A 54 -15.10 -1.77 7.48
CA GLY A 54 -14.36 -1.10 8.53
C GLY A 54 -12.97 -0.76 8.08
N GLN A 55 -11.98 -1.07 8.93
CA GLN A 55 -10.62 -0.58 8.71
C GLN A 55 -9.89 -1.48 7.74
N MET A 56 -10.56 -2.55 7.32
CA MET A 56 -9.99 -3.44 6.33
C MET A 56 -10.29 -2.91 4.94
N LYS A 57 -9.54 -1.88 4.54
CA LYS A 57 -9.77 -1.24 3.26
C LYS A 57 -9.06 -2.02 2.17
N ARG A 58 -9.62 -3.17 1.85
CA ARG A 58 -9.05 -4.03 0.84
C ARG A 58 -9.01 -3.25 -0.49
N LYS A 59 -7.97 -3.51 -1.27
CA LYS A 59 -7.78 -2.86 -2.57
C LYS A 59 -7.90 -3.87 -3.68
N TYR A 60 -8.61 -3.48 -4.74
CA TYR A 60 -8.86 -4.34 -5.89
C TYR A 60 -8.56 -3.53 -7.13
N ARG A 61 -8.30 -4.21 -8.22
CA ARG A 61 -8.24 -3.55 -9.53
C ARG A 61 -9.49 -3.93 -10.36
N VAL A 62 -10.09 -2.94 -10.98
CA VAL A 62 -11.30 -3.13 -11.79
C VAL A 62 -11.00 -3.79 -13.13
N CYS A 63 -11.70 -4.88 -13.44
CA CYS A 63 -11.55 -5.52 -14.74
C CYS A 63 -12.76 -5.28 -15.64
N ASN A 64 -13.86 -4.84 -15.05
CA ASN A 64 -15.10 -4.63 -15.80
C ASN A 64 -16.20 -3.93 -14.98
N VAL A 65 -17.24 -3.47 -15.66
CA VAL A 65 -18.42 -2.89 -15.02
C VAL A 65 -19.63 -3.75 -15.38
N THR A 66 -20.48 -4.09 -14.41
CA THR A 66 -21.48 -5.12 -14.74
C THR A 66 -22.57 -4.54 -15.67
N ARG A 67 -23.19 -5.42 -16.45
CA ARG A 67 -24.29 -5.02 -17.33
C ARG A 67 -25.65 -4.91 -16.62
N ARG A 68 -25.70 -5.30 -15.34
CA ARG A 68 -26.91 -5.19 -14.50
C ARG A 68 -26.75 -4.31 -13.27
N PRO A 69 -27.83 -3.64 -12.84
CA PRO A 69 -27.80 -2.89 -11.59
C PRO A 69 -27.51 -3.85 -10.44
N ALA A 70 -26.99 -3.33 -9.34
CA ALA A 70 -26.69 -4.15 -8.17
C ALA A 70 -27.94 -4.95 -7.74
N SER A 71 -29.10 -4.32 -7.84
CA SER A 71 -30.38 -4.95 -7.46
C SER A 71 -30.70 -6.23 -8.24
N HIS A 72 -30.13 -6.38 -9.43
CA HIS A 72 -30.41 -7.55 -10.25
C HIS A 72 -29.20 -8.43 -10.52
N GLN A 73 -27.99 -7.89 -10.34
CA GLN A 73 -26.80 -8.69 -10.66
C GLN A 73 -26.63 -9.85 -9.67
N THR A 74 -26.48 -11.07 -10.19
CA THR A 74 -26.31 -12.24 -9.32
C THR A 74 -24.93 -12.88 -9.43
N PHE A 75 -24.60 -13.60 -8.36
CA PHE A 75 -23.42 -14.44 -8.31
C PHE A 75 -23.77 -15.74 -7.57
N PRO A 76 -23.20 -16.86 -8.01
CA PRO A 76 -23.39 -18.16 -7.35
C PRO A 76 -22.92 -18.15 -5.90
N LEU A 77 -23.89 -18.11 -4.98
CA LEU A 77 -23.56 -18.09 -3.56
C LEU A 77 -23.75 -19.44 -2.82
N THR A 84 -25.53 -25.14 -4.77
CA THR A 84 -25.23 -23.75 -5.12
C THR A 84 -26.49 -23.00 -5.56
N VAL A 85 -26.68 -21.79 -5.05
CA VAL A 85 -27.81 -20.97 -5.41
C VAL A 85 -27.37 -19.67 -6.04
N GLU A 86 -28.28 -18.69 -6.08
CA GLU A 86 -27.93 -17.36 -6.55
C GLU A 86 -28.52 -16.27 -5.70
N CYS A 87 -27.76 -15.19 -5.57
CA CYS A 87 -28.12 -14.10 -4.68
C CYS A 87 -27.86 -12.83 -5.48
N THR A 88 -28.63 -11.77 -5.23
CA THR A 88 -28.31 -10.52 -5.92
C THR A 88 -27.25 -9.85 -5.09
N VAL A 89 -26.53 -8.91 -5.69
CA VAL A 89 -25.50 -8.23 -4.94
C VAL A 89 -26.15 -7.39 -3.90
N ALA A 90 -27.24 -6.71 -4.27
CA ALA A 90 -27.89 -5.80 -3.33
C ALA A 90 -28.40 -6.59 -2.13
N GLN A 91 -28.80 -7.83 -2.38
CA GLN A 91 -29.37 -8.71 -1.35
C GLN A 91 -28.25 -9.13 -0.44
N TYR A 92 -27.20 -9.69 -1.05
CA TYR A 92 -26.00 -10.12 -0.33
C TYR A 92 -25.45 -9.03 0.56
N PHE A 93 -25.38 -7.80 0.05
CA PHE A 93 -24.91 -6.71 0.88
C PHE A 93 -25.93 -6.37 1.97
N LYS A 94 -27.16 -6.83 1.83
CA LYS A 94 -28.13 -6.76 2.93
C LYS A 94 -27.90 -7.91 3.91
N ASP A 95 -27.85 -9.11 3.36
CA ASP A 95 -27.70 -10.36 4.11
C ASP A 95 -26.33 -10.62 4.75
N ARG A 96 -25.27 -9.97 4.27
CA ARG A 96 -23.93 -10.22 4.80
C ARG A 96 -23.36 -9.02 5.52
N HIS A 97 -23.58 -7.83 5.01
CA HIS A 97 -22.97 -6.64 5.58
C HIS A 97 -24.01 -5.68 6.10
N LYS A 98 -25.27 -6.07 6.00
CA LYS A 98 -26.35 -5.22 6.50
C LYS A 98 -26.23 -3.78 6.04
N LEU A 99 -25.90 -3.58 4.76
CA LEU A 99 -25.97 -2.27 4.12
C LEU A 99 -27.06 -2.33 3.06
N VAL A 100 -27.97 -1.36 3.10
CA VAL A 100 -29.06 -1.28 2.14
C VAL A 100 -28.58 -0.34 1.06
N LEU A 101 -28.31 -0.87 -0.13
CA LEU A 101 -27.67 -0.03 -1.16
C LEU A 101 -28.47 1.23 -1.42
N ARG A 102 -27.77 2.35 -1.44
CA ARG A 102 -28.38 3.64 -1.70
C ARG A 102 -28.57 3.87 -3.19
N TYR A 103 -27.88 3.05 -4.00
CA TYR A 103 -27.89 3.18 -5.46
C TYR A 103 -27.98 1.82 -6.09
N PRO A 104 -29.05 1.06 -5.78
CA PRO A 104 -29.22 -0.31 -6.27
C PRO A 104 -29.32 -0.35 -7.78
N HIS A 105 -29.65 0.78 -8.38
CA HIS A 105 -29.93 0.80 -9.83
C HIS A 105 -28.65 1.02 -10.67
N LEU A 106 -27.57 1.40 -9.99
CA LEU A 106 -26.27 1.56 -10.68
C LEU A 106 -25.57 0.24 -10.64
N PRO A 107 -24.68 -0.03 -11.61
CA PRO A 107 -24.04 -1.33 -11.73
C PRO A 107 -22.93 -1.53 -10.68
N CYS A 108 -22.21 -2.64 -10.79
CA CYS A 108 -21.14 -2.99 -9.86
C CYS A 108 -19.83 -2.95 -10.62
N LEU A 109 -18.72 -2.76 -9.91
CA LEU A 109 -17.41 -3.00 -10.49
C LEU A 109 -17.10 -4.45 -10.34
N GLN A 110 -16.60 -5.09 -11.39
CA GLN A 110 -16.02 -6.42 -11.26
C GLN A 110 -14.54 -6.27 -11.06
N VAL A 111 -14.05 -6.89 -9.99
CA VAL A 111 -12.65 -6.75 -9.61
C VAL A 111 -11.98 -8.11 -9.50
N GLY A 112 -10.66 -8.10 -9.34
CA GLY A 112 -9.93 -9.35 -9.28
C GLY A 112 -9.99 -10.18 -10.53
N GLN A 113 -9.72 -11.48 -10.38
CA GLN A 113 -9.82 -12.46 -11.45
C GLN A 113 -11.28 -12.59 -11.86
N GLU A 114 -11.55 -12.65 -13.15
CA GLU A 114 -12.92 -12.67 -13.61
C GLU A 114 -13.69 -13.88 -13.08
N GLN A 115 -12.98 -14.99 -12.91
CA GLN A 115 -13.60 -16.25 -12.59
C GLN A 115 -14.15 -16.21 -11.18
N LYS A 116 -13.62 -15.31 -10.35
CA LYS A 116 -14.02 -15.25 -8.94
C LYS A 116 -15.33 -14.49 -8.77
N HIS A 117 -15.89 -13.99 -9.86
CA HIS A 117 -17.12 -13.19 -9.83
C HIS A 117 -17.31 -12.29 -8.60
N THR A 118 -16.32 -11.42 -8.36
CA THR A 118 -16.39 -10.44 -7.28
C THR A 118 -16.99 -9.12 -7.81
N TYR A 119 -18.19 -8.79 -7.34
CA TYR A 119 -18.85 -7.56 -7.75
C TYR A 119 -18.97 -6.59 -6.61
N LEU A 120 -18.57 -5.36 -6.86
CA LEU A 120 -18.64 -4.37 -5.81
C LEU A 120 -19.52 -3.22 -6.24
N PRO A 121 -20.59 -2.93 -5.47
CA PRO A 121 -21.40 -1.72 -5.70
C PRO A 121 -20.55 -0.48 -5.76
N LEU A 122 -20.93 0.47 -6.62
CA LEU A 122 -20.09 1.63 -6.80
C LEU A 122 -19.94 2.32 -5.44
N GLU A 123 -21.05 2.37 -4.73
CA GLU A 123 -21.16 2.83 -3.35
C GLU A 123 -20.07 2.48 -2.34
N VAL A 124 -19.49 1.30 -2.46
CA VAL A 124 -18.57 0.85 -1.40
C VAL A 124 -17.11 0.94 -1.87
N CYS A 125 -16.87 1.70 -2.93
CA CYS A 125 -15.55 1.77 -3.54
C CYS A 125 -15.08 3.20 -3.61
N ASN A 126 -13.81 3.43 -3.29
CA ASN A 126 -13.15 4.69 -3.57
C ASN A 126 -12.01 4.47 -4.56
N ILE A 127 -11.80 5.43 -5.45
CA ILE A 127 -10.61 5.47 -6.29
C ILE A 127 -9.38 5.63 -5.40
N VAL A 128 -8.40 4.73 -5.58
CA VAL A 128 -7.13 4.79 -4.81
C VAL A 128 -6.26 5.95 -5.31
N ALA A 129 -5.62 6.68 -4.39
CA ALA A 129 -4.81 7.83 -4.82
C ALA A 129 -3.57 7.42 -5.62
N GLY A 130 -3.02 8.35 -6.40
CA GLY A 130 -1.69 8.13 -6.96
C GLY A 130 -1.59 7.39 -8.28
N GLN A 131 -2.71 7.19 -8.96
CA GLN A 131 -2.71 6.43 -10.19
C GLN A 131 -2.71 7.38 -11.39
N ARG A 132 -1.82 7.18 -12.36
CA ARG A 132 -1.72 8.16 -13.45
C ARG A 132 -2.96 8.24 -14.33
N CYS A 133 -3.38 9.47 -14.62
CA CYS A 133 -4.42 9.71 -15.59
C CYS A 133 -3.72 10.01 -16.93
N ILE A 134 -3.98 9.19 -17.94
CA ILE A 134 -3.28 9.33 -19.23
C ILE A 134 -4.05 10.17 -20.26
N GLY B 1 -3.52 10.86 22.77
CA GLY B 1 -3.01 12.13 22.18
C GLY B 1 -3.51 12.34 20.76
N PRO B 2 -3.30 13.55 20.21
CA PRO B 2 -3.75 13.84 18.84
C PRO B 2 -2.93 13.06 17.79
N THR B 3 -3.60 12.55 16.76
CA THR B 3 -2.91 11.77 15.75
C THR B 3 -1.83 12.56 15.00
N ALA B 4 -0.61 12.03 14.97
CA ALA B 4 0.41 12.49 14.03
C ALA B 4 1.08 11.30 13.32
N PHE B 5 1.66 11.57 12.15
CA PHE B 5 2.25 10.51 11.34
C PHE B 5 3.73 10.83 11.13
N TYR B 6 4.58 9.81 11.10
CA TYR B 6 5.98 10.04 10.77
C TYR B 6 6.17 10.58 9.35
N LYS B 7 7.16 11.46 9.18
CA LYS B 7 7.50 11.90 7.84
C LYS B 7 8.07 10.69 7.09
N ALA B 8 7.60 10.48 5.86
CA ALA B 8 8.23 9.50 4.99
C ALA B 8 9.55 10.12 4.55
N GLN B 9 10.63 9.41 4.77
CA GLN B 9 11.94 9.95 4.49
C GLN B 9 12.93 8.82 4.57
N PRO B 10 14.12 9.00 3.97
CA PRO B 10 15.13 7.95 4.04
C PRO B 10 15.46 7.68 5.49
N VAL B 11 15.73 6.42 5.81
CA VAL B 11 16.03 6.06 7.20
C VAL B 11 17.33 6.73 7.71
N ILE B 12 18.28 6.95 6.81
CA ILE B 12 19.49 7.67 7.19
C ILE B 12 19.11 9.06 7.71
N GLU B 13 18.18 9.74 7.04
CA GLU B 13 17.77 11.04 7.56
C GLU B 13 17.04 10.89 8.88
N PHE B 14 16.21 9.87 8.97
CA PHE B 14 15.51 9.55 10.21
C PHE B 14 16.52 9.33 11.35
N VAL B 15 17.61 8.63 11.08
CA VAL B 15 18.55 8.39 12.16
C VAL B 15 19.32 9.65 12.55
N CYS B 16 19.62 10.54 11.60
CA CYS B 16 20.21 11.83 11.96
C CYS B 16 19.34 12.66 12.88
N GLU B 17 18.02 12.64 12.65
CA GLU B 17 17.07 13.31 13.54
C GLU B 17 17.04 12.65 14.92
N VAL B 18 17.09 11.33 14.97
CA VAL B 18 17.11 10.65 16.27
C VAL B 18 18.39 10.99 17.04
N LEU B 19 19.52 11.07 16.33
CA LEU B 19 20.81 11.24 17.02
C LEU B 19 21.33 12.69 17.06
N ASP B 20 20.48 13.62 16.64
CA ASP B 20 20.84 15.04 16.54
C ASP B 20 22.11 15.30 15.72
N PHE B 21 22.16 14.75 14.51
CA PHE B 21 23.16 15.16 13.52
C PHE B 21 22.45 15.95 12.44
N LYS B 22 23.17 16.87 11.81
CA LYS B 22 22.59 17.59 10.69
C LYS B 22 22.92 16.81 9.44
N SER B 23 24.04 16.10 9.50
CA SER B 23 24.50 15.29 8.39
C SER B 23 25.00 13.96 8.91
N ILE B 24 24.76 12.90 8.15
CA ILE B 24 25.22 11.57 8.55
C ILE B 24 26.73 11.52 8.42
N GLU B 25 27.29 12.44 7.64
CA GLU B 25 28.75 12.52 7.50
C GLU B 25 29.38 12.83 8.86
N GLU B 26 28.56 13.29 9.81
CA GLU B 26 28.98 13.49 11.19
C GLU B 26 29.19 12.17 11.94
N GLN B 27 28.74 11.09 11.33
CA GLN B 27 28.93 9.76 11.91
C GLN B 27 29.73 8.90 10.95
N GLN B 28 31.06 8.90 11.12
CA GLN B 28 31.95 8.18 10.24
C GLN B 28 32.38 6.83 10.80
N LYS B 29 31.94 6.55 12.02
CA LYS B 29 32.29 5.32 12.70
C LYS B 29 31.01 4.56 13.07
N PRO B 30 31.13 3.28 13.45
CA PRO B 30 29.96 2.54 13.91
C PRO B 30 29.28 3.28 15.02
N LEU B 31 28.00 3.00 15.23
CA LEU B 31 27.29 3.62 16.33
C LEU B 31 27.85 3.04 17.62
N THR B 32 27.69 3.78 18.71
CA THR B 32 27.96 3.26 20.05
C THR B 32 26.75 2.48 20.50
N ASP B 33 26.86 1.77 21.61
CA ASP B 33 25.69 1.08 22.15
C ASP B 33 24.57 2.05 22.49
N SER B 34 24.91 3.23 23.00
CA SER B 34 23.83 4.08 23.46
C SER B 34 23.12 4.66 22.24
N GLN B 35 23.89 5.05 21.23
CA GLN B 35 23.30 5.58 20.00
C GLN B 35 22.37 4.52 19.38
N ARG B 36 22.84 3.28 19.31
CA ARG B 36 22.03 2.20 18.79
C ARG B 36 20.75 1.98 19.58
N VAL B 37 20.83 2.05 20.89
CA VAL B 37 19.64 1.76 21.69
C VAL B 37 18.57 2.84 21.52
N LYS B 38 19.03 4.08 21.33
CA LYS B 38 18.12 5.21 21.11
C LYS B 38 17.44 5.06 19.72
N PHE B 39 18.25 4.84 18.68
CA PHE B 39 17.74 4.59 17.34
C PHE B 39 16.73 3.46 17.39
N THR B 40 17.11 2.35 18.02
CA THR B 40 16.29 1.16 17.93
C THR B 40 14.92 1.48 18.47
N LYS B 41 14.90 2.10 19.64
CA LYS B 41 13.68 2.41 20.31
C LYS B 41 12.71 3.18 19.42
N GLU B 42 13.22 4.04 18.54
CA GLU B 42 12.39 4.87 17.66
C GLU B 42 11.91 4.16 16.36
N ILE B 43 12.77 3.35 15.75
CA ILE B 43 12.42 2.73 14.49
C ILE B 43 11.75 1.38 14.69
N LYS B 44 11.91 0.78 15.87
CA LYS B 44 11.32 -0.54 16.06
C LYS B 44 9.81 -0.51 15.83
N GLY B 45 9.31 -1.43 15.00
CA GLY B 45 7.89 -1.54 14.77
C GLY B 45 7.35 -0.67 13.64
N LEU B 46 8.23 0.12 13.02
CA LEU B 46 7.86 0.90 11.86
C LEU B 46 8.05 0.09 10.55
N LYS B 47 7.23 0.37 9.56
CA LYS B 47 7.37 -0.21 8.23
C LYS B 47 8.39 0.58 7.46
N VAL B 48 9.20 -0.09 6.65
CA VAL B 48 10.11 0.58 5.76
C VAL B 48 9.86 0.01 4.38
N GLU B 49 10.31 0.73 3.36
CA GLU B 49 10.30 0.17 2.01
C GLU B 49 11.69 0.35 1.39
N ILE B 50 12.11 -0.60 0.55
CA ILE B 50 13.47 -0.58 0.05
C ILE B 50 13.59 0.06 -1.32
N THR B 51 14.80 0.41 -1.72
CA THR B 51 14.99 1.32 -2.84
C THR B 51 15.99 0.74 -3.81
N HIS B 52 16.52 -0.42 -3.45
CA HIS B 52 17.59 -0.98 -4.26
C HIS B 52 17.08 -1.98 -5.27
N CYS B 53 15.76 -2.02 -5.43
CA CYS B 53 15.17 -2.98 -6.37
C CYS B 53 14.27 -2.38 -7.43
N GLY B 54 14.64 -1.20 -7.94
CA GLY B 54 13.85 -0.57 -8.97
C GLY B 54 12.47 -0.23 -8.43
N GLN B 55 11.45 -0.53 -9.21
CA GLN B 55 10.09 -0.24 -8.81
C GLN B 55 9.52 -1.24 -7.82
N MET B 56 10.29 -2.29 -7.51
CA MET B 56 9.82 -3.27 -6.54
C MET B 56 10.12 -2.68 -5.18
N LYS B 57 9.26 -1.78 -4.72
CA LYS B 57 9.49 -1.05 -3.48
C LYS B 57 8.92 -1.84 -2.33
N ARG B 58 9.61 -2.95 -2.07
CA ARG B 58 9.09 -3.96 -1.18
C ARG B 58 9.06 -3.44 0.24
N LYS B 59 7.97 -3.69 0.96
CA LYS B 59 7.81 -3.23 2.35
C LYS B 59 8.06 -4.35 3.36
N TYR B 60 8.61 -3.97 4.51
CA TYR B 60 8.92 -4.89 5.60
C TYR B 60 8.61 -4.09 6.88
N ARG B 61 8.37 -4.78 7.98
CA ARG B 61 8.29 -4.08 9.27
C ARG B 61 9.51 -4.37 10.12
N VAL B 62 10.09 -3.31 10.67
CA VAL B 62 11.26 -3.41 11.52
C VAL B 62 11.00 -4.08 12.87
N CYS B 63 11.80 -5.11 13.19
CA CYS B 63 11.76 -5.76 14.51
C CYS B 63 13.03 -5.48 15.38
N ASN B 64 14.16 -5.15 14.77
CA ASN B 64 15.34 -4.76 15.56
C ASN B 64 16.33 -3.96 14.75
N VAL B 65 17.39 -3.46 15.40
CA VAL B 65 18.57 -2.93 14.70
C VAL B 65 19.80 -3.80 15.07
N THR B 66 20.55 -4.24 14.07
CA THR B 66 21.68 -5.15 14.37
C THR B 66 22.80 -4.47 15.14
N ARG B 67 23.50 -5.26 15.96
CA ARG B 67 24.66 -4.78 16.72
C ARG B 67 25.84 -4.52 15.81
N ARG B 68 26.01 -5.36 14.81
CA ARG B 68 27.14 -5.24 13.92
C ARG B 68 26.79 -4.40 12.71
N PRO B 69 27.74 -3.61 12.21
CA PRO B 69 27.60 -2.83 10.97
C PRO B 69 27.39 -3.74 9.76
N ALA B 70 26.82 -3.22 8.68
CA ALA B 70 26.57 -4.04 7.49
C ALA B 70 27.86 -4.72 6.96
N SER B 71 29.01 -4.04 7.14
CA SER B 71 30.32 -4.60 6.76
C SER B 71 30.70 -5.89 7.51
N HIS B 72 30.10 -6.12 8.68
CA HIS B 72 30.46 -7.24 9.55
C HIS B 72 29.30 -8.16 9.91
N GLN B 73 28.07 -7.69 9.76
CA GLN B 73 26.92 -8.54 10.06
C GLN B 73 26.79 -9.69 9.03
N THR B 74 26.43 -10.90 9.47
CA THR B 74 26.31 -12.05 8.54
C THR B 74 25.04 -12.88 8.77
N PHE B 75 24.68 -13.65 7.75
CA PHE B 75 23.55 -14.59 7.79
C PHE B 75 23.96 -15.83 6.99
N PRO B 76 23.22 -16.95 7.13
CA PRO B 76 23.47 -18.19 6.39
C PRO B 76 23.05 -18.13 4.91
N LEU B 77 24.03 -18.07 4.02
CA LEU B 77 23.79 -18.02 2.58
C LEU B 77 23.99 -19.40 1.93
N GLN B 78 22.98 -19.90 1.24
CA GLN B 78 23.13 -21.18 0.53
C GLN B 78 23.92 -21.03 -0.77
N THR B 84 25.89 -24.26 2.67
CA THR B 84 25.59 -23.09 3.49
C THR B 84 26.84 -22.41 4.05
N VAL B 85 26.89 -21.09 3.95
CA VAL B 85 28.00 -20.31 4.51
C VAL B 85 27.53 -18.92 4.94
N GLU B 86 28.03 -18.45 6.08
CA GLU B 86 27.74 -17.09 6.53
C GLU B 86 28.42 -16.12 5.57
N CYS B 87 27.70 -15.05 5.20
CA CYS B 87 28.13 -14.02 4.24
C CYS B 87 27.81 -12.66 4.90
N THR B 88 28.64 -11.62 4.70
CA THR B 88 28.33 -10.33 5.31
C THR B 88 27.21 -9.67 4.49
N VAL B 89 26.47 -8.77 5.14
CA VAL B 89 25.41 -8.08 4.45
C VAL B 89 25.99 -7.23 3.33
N ALA B 90 27.14 -6.61 3.59
CA ALA B 90 27.74 -5.69 2.63
C ALA B 90 28.22 -6.45 1.42
N GLN B 91 28.65 -7.68 1.68
CA GLN B 91 29.19 -8.52 0.64
C GLN B 91 28.05 -9.03 -0.23
N TYR B 92 27.01 -9.54 0.42
CA TYR B 92 25.82 -9.96 -0.30
C TYR B 92 25.22 -8.88 -1.19
N PHE B 93 25.14 -7.63 -0.69
CA PHE B 93 24.59 -6.55 -1.51
C PHE B 93 25.46 -6.19 -2.70
N LYS B 94 26.78 -6.36 -2.56
CA LYS B 94 27.67 -6.08 -3.67
C LYS B 94 27.51 -7.20 -4.70
N ASP B 95 27.38 -8.45 -4.23
CA ASP B 95 27.28 -9.61 -5.14
C ASP B 95 25.93 -9.70 -5.84
N ARG B 96 24.87 -9.74 -5.04
CA ARG B 96 23.51 -9.89 -5.57
C ARG B 96 23.00 -8.58 -6.17
N HIS B 97 23.21 -7.46 -5.47
CA HIS B 97 22.61 -6.21 -5.93
C HIS B 97 23.52 -5.20 -6.59
N LYS B 98 24.80 -5.52 -6.74
CA LYS B 98 25.72 -4.61 -7.44
C LYS B 98 25.78 -3.29 -6.68
N LEU B 99 25.51 -3.35 -5.40
CA LEU B 99 25.50 -2.13 -4.63
C LEU B 99 26.65 -2.18 -3.66
N VAL B 100 27.58 -1.26 -3.83
CA VAL B 100 28.62 -1.12 -2.84
C VAL B 100 28.14 -0.11 -1.79
N LEU B 101 27.97 -0.57 -0.55
CA LEU B 101 27.30 0.24 0.46
C LEU B 101 28.07 1.53 0.72
N ARG B 102 27.35 2.64 0.87
CA ARG B 102 27.97 3.92 1.13
C ARG B 102 28.20 4.12 2.63
N TYR B 103 27.39 3.50 3.46
CA TYR B 103 27.57 3.56 4.92
C TYR B 103 27.65 2.15 5.51
N PRO B 104 28.68 1.38 5.13
CA PRO B 104 28.89 0.01 5.63
C PRO B 104 29.11 -0.05 7.13
N HIS B 105 29.42 1.10 7.73
CA HIS B 105 29.73 1.18 9.15
C HIS B 105 28.51 1.40 10.02
N LEU B 106 27.37 1.69 9.39
CA LEU B 106 26.11 1.74 10.13
C LEU B 106 25.48 0.35 10.11
N PRO B 107 24.66 0.05 11.12
CA PRO B 107 24.00 -1.25 11.25
C PRO B 107 22.90 -1.48 10.20
N CYS B 108 22.19 -2.59 10.38
CA CYS B 108 21.10 -2.99 9.51
C CYS B 108 19.81 -2.94 10.30
N LEU B 109 18.70 -2.76 9.60
CA LEU B 109 17.44 -3.00 10.23
C LEU B 109 17.16 -4.50 10.07
N GLN B 110 16.81 -5.18 11.16
CA GLN B 110 16.22 -6.48 11.03
C GLN B 110 14.71 -6.35 10.89
N VAL B 111 14.16 -7.08 9.93
CA VAL B 111 12.75 -6.93 9.58
C VAL B 111 12.02 -8.28 9.50
N GLY B 112 10.69 -8.22 9.50
CA GLY B 112 9.87 -9.43 9.34
C GLY B 112 10.07 -10.42 10.49
N GLN B 113 9.72 -11.69 10.28
CA GLN B 113 9.99 -12.71 11.27
C GLN B 113 11.49 -12.88 11.49
N GLU B 114 11.90 -12.91 12.75
CA GLU B 114 13.30 -12.90 13.11
C GLU B 114 14.09 -14.08 12.54
N GLN B 115 13.44 -15.23 12.51
CA GLN B 115 14.06 -16.47 12.06
C GLN B 115 14.53 -16.38 10.61
N LYS B 116 13.95 -15.46 9.84
CA LYS B 116 14.31 -15.35 8.44
C LYS B 116 15.62 -14.61 8.26
N HIS B 117 16.17 -14.11 9.38
CA HIS B 117 17.40 -13.31 9.37
C HIS B 117 17.49 -12.36 8.19
N THR B 118 16.50 -11.46 8.09
CA THR B 118 16.50 -10.46 7.02
C THR B 118 17.06 -9.16 7.59
N TYR B 119 18.21 -8.74 7.07
CA TYR B 119 18.90 -7.51 7.48
C TYR B 119 19.04 -6.56 6.31
N LEU B 120 18.62 -5.31 6.52
CA LEU B 120 18.65 -4.34 5.44
C LEU B 120 19.59 -3.19 5.80
N PRO B 121 20.59 -2.89 4.95
CA PRO B 121 21.40 -1.70 5.22
C PRO B 121 20.50 -0.47 5.29
N LEU B 122 20.83 0.50 6.14
CA LEU B 122 19.94 1.63 6.36
C LEU B 122 19.72 2.43 5.08
N GLU B 123 20.75 2.48 4.25
CA GLU B 123 20.72 3.36 3.08
C GLU B 123 19.78 2.87 2.00
N VAL B 124 19.28 1.64 2.14
CA VAL B 124 18.34 1.11 1.14
C VAL B 124 16.89 1.16 1.65
N CYS B 125 16.67 1.84 2.78
CA CYS B 125 15.33 1.89 3.40
C CYS B 125 14.75 3.31 3.52
N ASN B 126 13.46 3.44 3.21
CA ASN B 126 12.67 4.67 3.49
C ASN B 126 11.59 4.33 4.54
N ILE B 127 11.36 5.26 5.46
CA ILE B 127 10.21 5.19 6.34
C ILE B 127 8.97 5.30 5.45
N VAL B 128 8.03 4.36 5.59
CA VAL B 128 6.79 4.40 4.85
C VAL B 128 5.84 5.46 5.41
N ALA B 129 5.13 6.16 4.51
CA ALA B 129 4.25 7.26 4.93
C ALA B 129 3.06 6.77 5.76
N GLY B 130 2.51 7.67 6.58
CA GLY B 130 1.19 7.43 7.12
C GLY B 130 1.18 6.58 8.36
N GLN B 131 2.34 6.47 9.02
CA GLN B 131 2.41 5.68 10.22
C GLN B 131 2.28 6.55 11.44
N ARG B 132 1.40 6.16 12.36
CA ARG B 132 1.20 6.97 13.54
C ARG B 132 2.43 7.11 14.42
N CYS B 133 2.71 8.34 14.83
CA CYS B 133 3.72 8.61 15.81
C CYS B 133 2.99 8.73 17.12
N ILE B 134 3.29 7.84 18.04
CA ILE B 134 2.56 7.78 19.28
C ILE B 134 3.44 8.18 20.44
N LYS B 135 2.93 9.05 21.32
CA LYS B 135 3.72 9.54 22.45
C LYS B 135 4.24 8.38 23.30
C1 GOL E . -1.47 -2.07 -0.80
O1 GOL E . -0.91 -0.78 -0.45
C2 GOL E . -1.36 -2.33 -2.33
O2 GOL E . -0.55 -3.51 -2.46
C3 GOL E . -2.78 -2.52 -2.98
O3 GOL E . -2.80 -3.25 -4.20
C1 GOL F . 3.86 -6.10 4.55
O1 GOL F . 3.60 -6.00 3.14
C2 GOL F . 4.81 -4.96 5.03
O2 GOL F . 4.13 -3.71 4.77
C3 GOL F . 5.15 -5.11 6.54
O3 GOL F . 4.03 -4.86 7.39
#